data_3ZSE
#
_entry.id   3ZSE
#
_cell.length_a   40.630
_cell.length_b   41.310
_cell.length_c   93.970
_cell.angle_alpha   90.00
_cell.angle_beta   90.00
_cell.angle_gamma   90.00
#
_symmetry.space_group_name_H-M   'P 21 21 21'
#
loop_
_entity.id
_entity.type
_entity.pdbx_description
1 polymer ENDO-1,4-BETA-XYLANASE
2 branched beta-D-xylopyranose-(1-4)-2-deoxy-2-fluoro-alpha-D-xylopyranose
3 non-polymer 1,2-ETHANEDIOL
4 water water
#
_entity_poly.entity_id   1
_entity_poly.type   'polypeptide(L)'
_entity_poly.pdbx_seq_one_letter_code
;AVTSNQTGYHDGYFYSFWTDAPGTVSMELGPGGNYSTSWRNTGNFVAGKGWATGGRRTVTYSASFNPSGNAYLTLYGWTR
NPLVEYYIVESWGTYRPTGTYMGTVTTDGGTYDIYKTTRYNAPSIEGTRTFDQYWSVRQSKRTSGTITAGNHFDAWARHG
MHLGTHDYMIMATEGYQSSGSSNVTLGTSGGDNPHQHQHQH
;
_entity_poly.pdbx_strand_id   A
#
# COMPACT_ATOMS: atom_id res chain seq x y z
N ALA A 1 -19.14 9.58 2.16
CA ALA A 1 -18.10 8.52 2.28
C ALA A 1 -18.09 7.59 1.07
N VAL A 2 -16.91 7.07 0.75
CA VAL A 2 -16.79 5.91 -0.13
C VAL A 2 -17.00 4.69 0.77
N THR A 3 -17.88 3.78 0.33
CA THR A 3 -18.21 2.58 1.10
C THR A 3 -18.28 1.37 0.17
N SER A 4 -18.21 1.63 -1.14
CA SER A 4 -18.17 0.54 -2.15
C SER A 4 -16.97 0.72 -3.08
N ASN A 5 -16.49 -0.40 -3.64
CA ASN A 5 -15.35 -0.49 -4.57
C ASN A 5 -15.42 0.55 -5.70
N GLN A 6 -14.34 1.31 -5.91
CA GLN A 6 -14.26 2.32 -6.97
C GLN A 6 -12.86 2.97 -7.08
N THR A 7 -12.59 3.59 -8.23
CA THR A 7 -11.45 4.51 -8.38
C THR A 7 -11.95 5.82 -8.98
N GLY A 8 -11.12 6.85 -8.94
CA GLY A 8 -11.46 8.14 -9.55
C GLY A 8 -10.43 9.17 -9.18
N TYR A 9 -10.80 10.44 -9.35
CA TYR A 9 -9.99 11.54 -8.91
C TYR A 9 -10.77 12.36 -7.93
N HIS A 10 -10.11 12.78 -6.88
CA HIS A 10 -10.69 13.70 -5.92
C HIS A 10 -9.67 14.79 -5.58
N ASP A 11 -10.06 16.03 -5.85
CA ASP A 11 -9.24 17.18 -5.51
C ASP A 11 -7.82 17.05 -6.09
N GLY A 12 -7.72 16.51 -7.31
CA GLY A 12 -6.45 16.38 -8.03
C GLY A 12 -5.68 15.08 -7.85
N TYR A 13 -6.12 14.25 -6.91
CA TYR A 13 -5.45 12.99 -6.63
C TYR A 13 -6.28 11.82 -7.08
N PHE A 14 -5.62 10.84 -7.70
CA PHE A 14 -6.25 9.56 -7.93
C PHE A 14 -6.58 8.91 -6.58
N TYR A 15 -7.62 8.09 -6.53
CA TYR A 15 -7.84 7.27 -5.36
C TYR A 15 -8.40 5.95 -5.79
N SER A 16 -8.12 4.92 -4.98
CA SER A 16 -8.74 3.62 -5.16
C SER A 16 -9.29 3.17 -3.82
N PHE A 17 -10.43 2.48 -3.86
CA PHE A 17 -11.04 1.86 -2.68
C PHE A 17 -11.51 0.46 -3.06
N TRP A 18 -11.11 -0.53 -2.28
CA TRP A 18 -11.49 -1.91 -2.55
C TRP A 18 -11.71 -2.61 -1.22
N THR A 19 -12.78 -3.39 -1.15
CA THR A 19 -12.94 -4.34 -0.07
C THR A 19 -13.70 -5.57 -0.53
N ASP A 20 -13.42 -6.68 0.13
CA ASP A 20 -14.25 -7.90 0.00
C ASP A 20 -15.33 -7.94 1.07
N ALA A 21 -15.42 -6.88 1.87
CA ALA A 21 -16.34 -6.88 2.99
C ALA A 21 -17.13 -5.58 2.98
N PRO A 22 -17.92 -5.36 1.91
CA PRO A 22 -18.72 -4.14 1.81
C PRO A 22 -19.50 -3.90 3.09
N GLY A 23 -19.50 -2.66 3.58
CA GLY A 23 -20.24 -2.29 4.80
C GLY A 23 -19.40 -2.26 6.06
N THR A 24 -18.19 -2.79 6.00
CA THR A 24 -17.35 -2.90 7.18
C THR A 24 -16.31 -1.77 7.23
N VAL A 25 -16.20 -1.01 6.15
CA VAL A 25 -15.17 0.03 6.05
C VAL A 25 -15.71 1.21 5.26
N SER A 26 -15.31 2.40 5.67
CA SER A 26 -15.66 3.60 4.94
C SER A 26 -14.40 4.43 4.73
N MET A 27 -14.40 5.23 3.68
CA MET A 27 -13.29 6.10 3.38
C MET A 27 -13.88 7.48 3.14
N GLU A 28 -13.31 8.49 3.82
CA GLU A 28 -13.63 9.87 3.49
C GLU A 28 -12.51 10.47 2.67
N LEU A 29 -12.90 11.17 1.62
CA LEU A 29 -11.97 11.90 0.77
C LEU A 29 -11.84 13.31 1.31
N GLY A 30 -10.63 13.64 1.79
CA GLY A 30 -10.35 14.97 2.32
C GLY A 30 -9.78 15.94 1.29
N PRO A 31 -9.39 17.15 1.73
CA PRO A 31 -8.87 18.15 0.80
C PRO A 31 -7.51 17.73 0.26
N GLY A 32 -7.22 18.09 -0.99
CA GLY A 32 -5.91 17.84 -1.57
C GLY A 32 -5.52 16.37 -1.47
N GLY A 33 -4.33 16.11 -0.93
CA GLY A 33 -3.83 14.72 -0.74
C GLY A 33 -4.33 13.96 0.47
N ASN A 34 -5.44 14.42 1.09
CA ASN A 34 -5.92 13.79 2.32
C ASN A 34 -7.05 12.77 2.15
N TYR A 35 -7.00 11.71 2.94
CA TYR A 35 -8.18 10.85 3.08
C TYR A 35 -8.18 10.22 4.48
N SER A 36 -9.32 9.65 4.86
CA SER A 36 -9.35 8.93 6.12
C SER A 36 -10.18 7.67 5.97
N THR A 37 -9.95 6.70 6.85
CA THR A 37 -10.73 5.47 6.85
C THR A 37 -11.20 5.11 8.26
N SER A 38 -12.21 4.26 8.33
CA SER A 38 -12.72 3.75 9.58
C SER A 38 -13.25 2.39 9.23
N TRP A 39 -12.84 1.38 9.99
CA TRP A 39 -13.32 0.01 9.80
C TRP A 39 -13.70 -0.65 11.12
N ARG A 40 -14.57 -1.64 11.02
CA ARG A 40 -15.07 -2.35 12.19
C ARG A 40 -15.32 -3.77 11.74
N ASN A 41 -14.57 -4.70 12.31
CA ASN A 41 -14.70 -6.12 11.99
C ASN A 41 -14.69 -6.43 10.50
N THR A 42 -13.66 -5.91 9.84
CA THR A 42 -13.59 -5.94 8.40
C THR A 42 -13.06 -7.27 7.92
N GLY A 43 -13.10 -7.50 6.61
CA GLY A 43 -12.48 -8.68 5.99
C GLY A 43 -11.11 -8.24 5.54
N ASN A 44 -11.01 -7.79 4.28
CA ASN A 44 -9.80 -7.18 3.74
C ASN A 44 -10.23 -5.92 2.97
N PHE A 45 -9.44 -4.85 3.08
CA PHE A 45 -9.67 -3.66 2.30
C PHE A 45 -8.31 -2.98 2.06
N VAL A 46 -8.25 -2.26 0.96
CA VAL A 46 -7.13 -1.38 0.67
C VAL A 46 -7.72 -0.11 0.08
N ALA A 47 -7.34 1.04 0.65
CA ALA A 47 -7.90 2.31 0.22
C ALA A 47 -6.81 3.35 0.27
N GLY A 48 -6.88 4.34 -0.60
CA GLY A 48 -5.89 5.42 -0.53
C GLY A 48 -5.93 6.41 -1.67
N LYS A 49 -5.24 7.53 -1.48
CA LYS A 49 -4.99 8.49 -2.56
C LYS A 49 -3.56 8.33 -3.09
N GLY A 50 -3.33 8.85 -4.29
CA GLY A 50 -2.04 8.78 -4.93
C GLY A 50 -2.17 9.15 -6.40
N TRP A 51 -1.72 8.25 -7.26
CA TRP A 51 -1.56 8.49 -8.70
C TRP A 51 -2.03 7.32 -9.58
N ALA A 52 -2.70 7.67 -10.68
CA ALA A 52 -3.22 6.74 -11.65
C ALA A 52 -2.10 5.98 -12.31
N THR A 53 -0.93 6.62 -12.44
CA THR A 53 0.23 5.91 -12.96
C THR A 53 1.42 5.99 -12.03
N GLY A 54 1.81 4.86 -11.48
CA GLY A 54 2.98 4.80 -10.64
C GLY A 54 4.25 5.00 -11.42
N GLY A 55 5.34 5.17 -10.69
CA GLY A 55 6.67 5.28 -11.27
C GLY A 55 7.65 5.61 -10.16
N ARG A 56 8.75 6.25 -10.52
CA ARG A 56 9.86 6.51 -9.60
C ARG A 56 9.70 7.86 -8.93
N ARG A 57 8.51 8.10 -8.38
CA ARG A 57 8.30 9.34 -7.66
C ARG A 57 8.74 9.22 -6.21
N THR A 58 8.88 10.39 -5.60
CA THR A 58 9.13 10.55 -4.20
CA THR A 58 9.09 10.50 -4.17
C THR A 58 7.76 10.82 -3.57
N VAL A 59 7.40 10.08 -2.54
CA VAL A 59 6.08 10.22 -1.94
C VAL A 59 6.23 10.70 -0.52
N THR A 60 5.66 11.86 -0.24
CA THR A 60 5.78 12.50 1.06
C THR A 60 4.43 12.43 1.73
N TYR A 61 4.40 11.85 2.94
CA TYR A 61 3.12 11.66 3.66
C TYR A 61 3.28 11.93 5.15
N SER A 62 2.15 12.15 5.83
CA SER A 62 2.07 11.95 7.28
C SER A 62 0.73 11.31 7.63
N ALA A 63 0.67 10.61 8.77
CA ALA A 63 -0.56 9.86 9.06
C ALA A 63 -0.88 9.67 10.53
N SER A 64 -2.19 9.66 10.82
CA SER A 64 -2.74 9.02 12.02
C SER A 64 -2.96 7.55 11.67
N PHE A 65 -2.32 6.68 12.44
CA PHE A 65 -2.31 5.24 12.22
C PHE A 65 -1.81 4.61 13.52
N ASN A 66 -2.76 4.20 14.32
CA ASN A 66 -2.52 3.61 15.64
C ASN A 66 -3.36 2.34 15.83
N PRO A 67 -3.27 1.36 14.90
CA PRO A 67 -4.22 0.24 14.87
C PRO A 67 -4.13 -0.64 16.11
N SER A 68 -5.21 -1.33 16.42
CA SER A 68 -5.23 -2.26 17.56
C SER A 68 -5.04 -3.69 17.07
N GLY A 69 -5.39 -3.94 15.81
CA GLY A 69 -5.25 -5.24 15.17
C GLY A 69 -4.37 -5.19 13.93
N ASN A 70 -4.68 -6.04 12.95
CA ASN A 70 -3.85 -6.26 11.76
C ASN A 70 -4.16 -5.21 10.70
N ALA A 71 -3.18 -4.35 10.43
CA ALA A 71 -3.40 -3.31 9.40
C ALA A 71 -2.05 -2.78 8.94
N TYR A 72 -1.99 -2.21 7.73
CA TYR A 72 -0.74 -1.64 7.21
C TYR A 72 -0.94 -0.20 6.78
N LEU A 73 0.10 0.61 6.99
CA LEU A 73 0.22 1.93 6.42
C LEU A 73 1.35 1.73 5.41
N THR A 74 1.02 1.86 4.12
CA THR A 74 1.93 1.37 3.09
C THR A 74 1.76 2.03 1.75
N LEU A 75 2.87 2.43 1.12
CA LEU A 75 2.80 2.71 -0.33
C LEU A 75 2.41 1.38 -1.01
N TYR A 76 1.57 1.45 -2.04
CA TYR A 76 0.88 0.28 -2.60
C TYR A 76 0.53 0.53 -4.06
N GLY A 77 0.77 -0.47 -4.92
CA GLY A 77 0.37 -0.33 -6.29
C GLY A 77 0.49 -1.63 -7.07
N TRP A 78 0.35 -1.51 -8.39
CA TRP A 78 0.33 -2.63 -9.30
C TRP A 78 1.14 -2.33 -10.55
N THR A 79 1.69 -3.39 -11.15
CA THR A 79 2.12 -3.38 -12.55
C THR A 79 1.40 -4.48 -13.31
N ARG A 80 1.52 -4.41 -14.65
CA ARG A 80 0.99 -5.39 -15.58
C ARG A 80 2.13 -5.89 -16.41
N ASN A 81 2.00 -7.13 -16.88
CA ASN A 81 2.96 -7.71 -17.82
C ASN A 81 4.40 -7.52 -17.33
N PRO A 82 4.77 -8.14 -16.17
CA PRO A 82 3.95 -9.02 -15.30
C PRO A 82 2.98 -8.30 -14.35
N LEU A 83 1.87 -8.98 -14.04
CA LEU A 83 0.93 -8.52 -13.01
C LEU A 83 1.57 -8.70 -11.61
N VAL A 84 1.79 -7.58 -10.91
CA VAL A 84 2.45 -7.61 -9.59
C VAL A 84 1.76 -6.61 -8.69
N GLU A 85 1.51 -7.03 -7.46
CA GLU A 85 1.07 -6.13 -6.39
C GLU A 85 2.27 -5.82 -5.52
N TYR A 86 2.47 -4.55 -5.19
CA TYR A 86 3.66 -4.20 -4.44
C TYR A 86 3.35 -3.32 -3.23
N TYR A 87 4.25 -3.40 -2.25
CA TYR A 87 4.14 -2.72 -0.98
C TYR A 87 5.47 -2.14 -0.55
N ILE A 88 5.41 -0.90 -0.06
CA ILE A 88 6.49 -0.32 0.74
C ILE A 88 5.87 0.05 2.09
N VAL A 89 6.05 -0.83 3.08
CA VAL A 89 5.30 -0.76 4.35
C VAL A 89 6.03 0.13 5.37
N GLU A 90 5.34 1.18 5.83
CA GLU A 90 5.92 2.17 6.76
C GLU A 90 5.59 1.85 8.20
N SER A 91 4.38 1.35 8.43
CA SER A 91 3.96 0.93 9.77
C SER A 91 2.93 -0.17 9.64
N TRP A 92 2.64 -0.83 10.75
CA TRP A 92 1.77 -2.02 10.77
C TRP A 92 1.17 -2.14 12.18
N GLY A 93 0.21 -3.04 12.38
CA GLY A 93 -0.36 -3.26 13.69
C GLY A 93 0.21 -4.49 14.40
N THR A 94 -0.66 -5.44 14.70
CA THR A 94 -0.26 -6.67 15.39
C THR A 94 0.66 -7.58 14.55
N TYR A 95 0.56 -7.47 13.23
CA TYR A 95 1.32 -8.34 12.32
C TYR A 95 2.26 -7.52 11.43
N ARG A 96 3.55 -7.84 11.51
CA ARG A 96 4.54 -7.25 10.56
C ARG A 96 4.64 -8.18 9.34
N PRO A 97 4.31 -7.68 8.14
CA PRO A 97 4.25 -8.59 6.99
C PRO A 97 5.64 -9.15 6.66
N THR A 98 5.66 -10.46 6.38
CA THR A 98 6.92 -11.10 5.99
CA THR A 98 6.88 -11.23 6.13
C THR A 98 6.69 -12.08 4.86
N GLY A 99 7.80 -12.55 4.30
CA GLY A 99 7.72 -13.41 3.13
C GLY A 99 9.07 -14.04 2.90
N THR A 100 9.32 -14.40 1.65
CA THR A 100 10.62 -14.95 1.28
C THR A 100 11.59 -13.78 1.32
N TYR A 101 12.57 -13.86 2.20
CA TYR A 101 13.47 -12.74 2.43
C TYR A 101 14.54 -12.66 1.35
N MET A 102 14.71 -11.47 0.77
CA MET A 102 15.61 -11.26 -0.38
C MET A 102 16.83 -10.40 -0.04
N GLY A 103 16.76 -9.69 1.07
CA GLY A 103 17.81 -8.75 1.45
C GLY A 103 17.19 -7.48 1.95
N THR A 104 17.98 -6.41 1.96
CA THR A 104 17.58 -5.13 2.49
C THR A 104 17.90 -4.00 1.54
N VAL A 105 17.17 -2.89 1.70
CA VAL A 105 17.46 -1.63 1.04
C VAL A 105 17.43 -0.48 2.08
N THR A 106 18.44 0.37 2.03
CA THR A 106 18.56 1.50 2.92
CA THR A 106 18.50 1.51 2.93
C THR A 106 18.24 2.78 2.15
N THR A 107 17.18 3.45 2.56
CA THR A 107 16.67 4.64 1.87
C THR A 107 15.81 5.44 2.83
N ASP A 108 15.77 6.76 2.62
CA ASP A 108 14.88 7.64 3.35
C ASP A 108 14.99 7.45 4.86
N GLY A 109 16.22 7.36 5.36
CA GLY A 109 16.46 7.32 6.79
C GLY A 109 16.08 6.01 7.49
N GLY A 110 15.72 5.01 6.70
CA GLY A 110 15.44 3.67 7.27
C GLY A 110 16.08 2.57 6.48
N THR A 111 16.00 1.35 7.02
CA THR A 111 16.39 0.17 6.28
C THR A 111 15.12 -0.69 6.25
N TYR A 112 14.89 -1.34 5.11
CA TYR A 112 13.66 -2.09 4.84
C TYR A 112 14.12 -3.48 4.47
N ASP A 113 13.37 -4.47 4.93
CA ASP A 113 13.56 -5.85 4.50
C ASP A 113 12.78 -6.09 3.20
N ILE A 114 13.40 -6.80 2.26
CA ILE A 114 12.74 -7.06 0.97
C ILE A 114 12.15 -8.49 1.05
N TYR A 115 10.85 -8.60 0.80
CA TYR A 115 10.21 -9.89 0.74
C TYR A 115 9.46 -10.11 -0.55
N LYS A 116 9.33 -11.38 -0.91
CA LYS A 116 8.46 -11.77 -2.00
C LYS A 116 7.47 -12.81 -1.51
N THR A 117 6.22 -12.64 -1.91
CA THR A 117 5.17 -13.63 -1.64
C THR A 117 4.33 -13.80 -2.91
N THR A 118 3.32 -14.67 -2.85
CA THR A 118 2.45 -14.91 -4.00
C THR A 118 1.01 -15.05 -3.50
N ARG A 119 0.06 -14.44 -4.21
CA ARG A 119 -1.38 -14.66 -3.96
C ARG A 119 -1.97 -15.51 -5.09
N TYR A 120 -2.82 -16.47 -4.73
CA TYR A 120 -3.34 -17.46 -5.69
C TYR A 120 -4.84 -17.30 -5.84
N ASN A 121 -5.32 -17.22 -7.08
CA ASN A 121 -6.76 -17.06 -7.36
C ASN A 121 -7.41 -15.96 -6.50
N ALA A 122 -6.87 -14.75 -6.62
CA ALA A 122 -7.12 -13.63 -5.69
C ALA A 122 -7.57 -12.41 -6.46
N PRO A 123 -8.34 -11.50 -5.80
CA PRO A 123 -8.72 -10.29 -6.52
C PRO A 123 -7.49 -9.49 -6.97
N SER A 124 -7.58 -8.87 -8.16
CA SER A 124 -6.48 -8.08 -8.70
C SER A 124 -7.08 -7.03 -9.65
N ILE A 125 -6.26 -6.10 -10.10
CA ILE A 125 -6.70 -5.16 -11.14
C ILE A 125 -7.07 -5.87 -12.45
N GLU A 126 -6.61 -7.11 -12.59
CA GLU A 126 -6.94 -7.96 -13.76
C GLU A 126 -7.96 -9.08 -13.48
N GLY A 127 -8.71 -8.96 -12.39
CA GLY A 127 -9.68 -9.97 -11.99
C GLY A 127 -9.03 -11.04 -11.12
N THR A 128 -9.68 -12.19 -11.03
CA THR A 128 -9.17 -13.29 -10.23
C THR A 128 -7.94 -13.86 -10.90
N ARG A 129 -6.80 -13.77 -10.23
CA ARG A 129 -5.53 -14.08 -10.84
C ARG A 129 -4.56 -14.55 -9.77
N THR A 130 -3.48 -15.17 -10.23
CA THR A 130 -2.38 -15.51 -9.37
C THR A 130 -1.25 -14.59 -9.76
N PHE A 131 -0.58 -14.05 -8.74
CA PHE A 131 0.40 -13.00 -8.94
C PHE A 131 1.32 -12.87 -7.72
N ASP A 132 2.56 -12.45 -7.99
CA ASP A 132 3.50 -12.18 -6.93
C ASP A 132 3.16 -10.87 -6.23
N GLN A 133 3.55 -10.80 -4.96
CA GLN A 133 3.58 -9.53 -4.25
C GLN A 133 5.04 -9.20 -3.91
N TYR A 134 5.44 -7.96 -4.17
CA TYR A 134 6.79 -7.52 -3.76
C TYR A 134 6.63 -6.57 -2.58
N TRP A 135 7.48 -6.74 -1.57
CA TRP A 135 7.42 -5.94 -0.36
C TRP A 135 8.77 -5.29 -0.04
N SER A 136 8.73 -4.03 0.39
CA SER A 136 9.79 -3.53 1.29
C SER A 136 9.07 -3.23 2.59
N VAL A 137 9.61 -3.71 3.72
CA VAL A 137 8.97 -3.57 5.03
C VAL A 137 9.97 -2.90 5.95
N ARG A 138 9.64 -1.69 6.42
CA ARG A 138 10.57 -0.92 7.22
C ARG A 138 10.92 -1.72 8.48
N GLN A 139 12.17 -1.62 8.94
CA GLN A 139 12.63 -2.41 10.09
C GLN A 139 12.06 -1.87 11.41
N SER A 140 11.68 -0.60 11.44
CA SER A 140 10.94 -0.08 12.56
C SER A 140 9.84 0.80 12.00
N LYS A 141 8.82 1.08 12.81
CA LYS A 141 7.64 1.79 12.33
C LYS A 141 7.91 3.28 12.19
N ARG A 142 7.27 3.88 11.20
CA ARG A 142 7.12 5.34 11.17
C ARG A 142 5.81 5.77 10.51
N THR A 143 5.35 6.96 10.86
CA THR A 143 4.03 7.38 10.37
C THR A 143 4.11 8.76 9.69
N SER A 144 5.33 9.18 9.37
CA SER A 144 5.52 10.31 8.46
C SER A 144 6.92 10.23 7.85
N GLY A 145 7.07 10.77 6.65
CA GLY A 145 8.37 10.76 5.97
C GLY A 145 8.21 10.82 4.45
N THR A 146 9.31 10.58 3.75
CA THR A 146 9.33 10.51 2.30
C THR A 146 9.78 9.13 1.89
N ILE A 147 9.11 8.59 0.88
CA ILE A 147 9.47 7.30 0.30
C ILE A 147 10.00 7.58 -1.11
N THR A 148 11.24 7.18 -1.39
CA THR A 148 11.80 7.31 -2.72
C THR A 148 11.48 5.96 -3.42
N ALA A 149 10.34 5.87 -4.12
CA ALA A 149 9.81 4.59 -4.56
C ALA A 149 10.77 3.88 -5.51
N GLY A 150 11.45 4.66 -6.35
CA GLY A 150 12.46 4.14 -7.28
C GLY A 150 13.56 3.36 -6.60
N ASN A 151 13.97 3.79 -5.41
CA ASN A 151 15.05 3.11 -4.70
C ASN A 151 14.61 1.69 -4.33
N HIS A 152 13.34 1.53 -3.97
CA HIS A 152 12.74 0.21 -3.74
C HIS A 152 12.61 -0.60 -5.03
N PHE A 153 11.98 -0.01 -6.06
CA PHE A 153 11.83 -0.68 -7.35
C PHE A 153 13.16 -1.21 -7.88
N ASP A 154 14.21 -0.38 -7.83
CA ASP A 154 15.54 -0.80 -8.34
C ASP A 154 16.14 -1.91 -7.51
N ALA A 155 16.05 -1.77 -6.18
CA ALA A 155 16.55 -2.80 -5.26
C ALA A 155 15.82 -4.13 -5.49
N TRP A 156 14.49 -4.10 -5.61
CA TRP A 156 13.78 -5.31 -5.96
C TRP A 156 14.29 -5.92 -7.28
N ALA A 157 14.44 -5.08 -8.31
CA ALA A 157 14.83 -5.58 -9.63
C ALA A 157 16.24 -6.19 -9.58
N ARG A 158 17.11 -5.59 -8.78
CA ARG A 158 18.48 -6.08 -8.53
C ARG A 158 18.47 -7.45 -7.85
N HIS A 159 17.37 -7.75 -7.17
CA HIS A 159 17.14 -9.05 -6.54
C HIS A 159 16.27 -9.94 -7.41
N GLY A 160 16.09 -9.55 -8.68
CA GLY A 160 15.35 -10.39 -9.62
C GLY A 160 13.84 -10.38 -9.47
N MET A 161 13.34 -9.35 -8.80
CA MET A 161 11.89 -9.11 -8.69
C MET A 161 11.50 -8.06 -9.75
N HIS A 162 11.02 -8.56 -10.87
CA HIS A 162 10.83 -7.76 -12.06
C HIS A 162 9.44 -7.11 -12.06
N LEU A 163 9.42 -5.80 -12.27
CA LEU A 163 8.17 -5.07 -12.43
C LEU A 163 7.85 -4.80 -13.89
N GLY A 164 6.56 -4.86 -14.23
CA GLY A 164 6.11 -4.53 -15.58
C GLY A 164 5.72 -3.07 -15.72
N THR A 165 4.70 -2.86 -16.55
CA THR A 165 4.19 -1.55 -16.85
C THR A 165 3.30 -1.09 -15.68
N HIS A 166 3.64 0.07 -15.13
CA HIS A 166 2.97 0.57 -13.93
C HIS A 166 1.52 0.93 -14.14
N ASP A 167 0.69 0.44 -13.23
CA ASP A 167 -0.68 0.89 -13.08
C ASP A 167 -0.67 1.85 -11.87
N TYR A 168 -1.68 1.81 -11.02
CA TYR A 168 -1.83 2.85 -9.99
C TYR A 168 -0.84 2.72 -8.83
N MET A 169 -0.67 3.82 -8.11
CA MET A 169 0.19 3.87 -6.93
C MET A 169 -0.52 4.75 -5.90
N ILE A 170 -0.83 4.18 -4.73
CA ILE A 170 -1.47 4.96 -3.66
C ILE A 170 -0.75 4.80 -2.31
N MET A 171 -0.83 5.85 -1.47
CA MET A 171 -0.38 5.74 -0.09
C MET A 171 -1.56 5.18 0.69
N ALA A 172 -1.49 3.89 0.96
CA ALA A 172 -2.66 3.09 1.27
C ALA A 172 -2.78 2.78 2.75
N THR A 173 -4.03 2.58 3.19
CA THR A 173 -4.31 1.94 4.46
C THR A 173 -4.91 0.60 4.07
N GLU A 174 -4.43 -0.48 4.71
CA GLU A 174 -4.96 -1.82 4.50
C GLU A 174 -5.33 -2.39 5.86
N GLY A 175 -6.52 -2.96 5.96
CA GLY A 175 -6.94 -3.60 7.19
C GLY A 175 -7.26 -5.06 6.91
N TYR A 176 -7.07 -5.88 7.93
CA TYR A 176 -7.42 -7.29 7.78
C TYR A 176 -7.98 -7.87 9.07
N GLN A 177 -9.22 -8.36 8.99
CA GLN A 177 -9.91 -8.94 10.15
C GLN A 177 -9.61 -8.13 11.40
N SER A 178 -9.85 -6.83 11.30
CA SER A 178 -9.54 -5.93 12.40
C SER A 178 -10.55 -4.79 12.46
N SER A 179 -10.36 -3.90 13.43
CA SER A 179 -11.11 -2.63 13.52
C SER A 179 -10.10 -1.51 13.72
N GLY A 180 -10.46 -0.28 13.31
CA GLY A 180 -9.51 0.83 13.42
C GLY A 180 -9.86 2.05 12.58
N SER A 181 -8.92 2.97 12.53
CA SER A 181 -9.04 4.18 11.76
C SER A 181 -7.66 4.61 11.25
N SER A 182 -7.66 5.42 10.19
CA SER A 182 -6.46 6.06 9.70
C SER A 182 -6.85 7.40 9.13
N ASN A 183 -5.87 8.30 9.09
CA ASN A 183 -6.03 9.56 8.43
C ASN A 183 -4.67 9.91 7.86
N VAL A 184 -4.61 9.95 6.52
CA VAL A 184 -3.34 10.02 5.80
C VAL A 184 -3.34 11.26 4.91
N THR A 185 -2.23 12.01 4.92
CA THR A 185 -2.11 13.23 4.13
C THR A 185 -0.85 13.19 3.25
N LEU A 186 -1.07 13.16 1.94
CA LEU A 186 0.05 13.24 1.00
C LEU A 186 0.46 14.68 0.82
N GLY A 187 1.75 14.93 1.03
CA GLY A 187 2.34 16.25 0.88
C GLY A 187 2.83 16.33 -0.55
N THR A 188 3.30 17.36 -1.01
#